data_8A2F
#
_entry.id   8A2F
#
_cell.length_a   39.790
_cell.length_b   58.480
_cell.length_c   110.240
_cell.angle_alpha   90.000
_cell.angle_beta   90.000
_cell.angle_gamma   90.000
#
_symmetry.space_group_name_H-M   'P 21 21 21'
#
loop_
_entity.id
_entity.type
_entity.pdbx_description
1 polymer '2A protein'
2 water water
#
_entity_poly.entity_id   1
_entity_poly.type   'polypeptide(L)'
_entity_poly.pdbx_seq_one_letter_code
;MGSPDIELVYKNRGFYKHYGVRFGGHIYHLNSQDILSTAITGKSDFIKEEDDGKWVHAMTAPLDYFTEKYINSMVGSKHI
FSATSNCETIARDLFPGRKEITQSKALGIIGVILLSASLLSLLAVPWDYSSLQTVYNQLEHHHHHH
;
_entity_poly.pdbx_strand_id   A,B
#
# COMPACT_ATOMS: atom_id res chain seq x y z
N GLY A 2 4.72 -28.31 8.39
CA GLY A 2 4.63 -26.99 7.73
C GLY A 2 4.05 -25.93 8.66
N SER A 3 4.41 -24.67 8.39
CA SER A 3 4.06 -23.57 9.28
C SER A 3 2.59 -23.15 9.12
N PRO A 4 1.90 -22.74 10.20
CA PRO A 4 0.54 -22.22 10.06
C PRO A 4 0.52 -20.91 9.26
N ASP A 5 -0.63 -20.62 8.66
CA ASP A 5 -0.84 -19.33 8.01
C ASP A 5 -0.93 -18.24 9.08
N ILE A 6 -0.68 -17.00 8.64
CA ILE A 6 -0.79 -15.77 9.41
C ILE A 6 -2.21 -15.22 9.25
N GLU A 7 -2.84 -14.82 10.37
CA GLU A 7 -4.17 -14.20 10.35
C GLU A 7 -4.05 -12.68 10.48
N LEU A 8 -4.34 -11.97 9.40
CA LEU A 8 -4.44 -10.52 9.43
C LEU A 8 -5.86 -10.13 9.86
N VAL A 9 -5.94 -9.22 10.83
CA VAL A 9 -7.19 -8.70 11.35
C VAL A 9 -7.15 -7.18 11.35
N TYR A 10 -8.30 -6.52 11.55
CA TYR A 10 -8.27 -5.07 11.64
C TYR A 10 -9.38 -4.51 12.52
N LYS A 11 -9.16 -3.24 12.90
CA LYS A 11 -10.20 -2.38 13.43
C LYS A 11 -10.40 -1.22 12.48
N ASN A 12 -11.69 -0.98 12.16
CA ASN A 12 -11.99 0.04 11.18
C ASN A 12 -11.91 1.39 11.86
N ARG A 13 -11.20 2.34 11.25
CA ARG A 13 -11.15 3.70 11.74
C ARG A 13 -11.87 4.65 10.78
N GLY A 14 -12.70 4.11 9.89
CA GLY A 14 -13.53 4.94 9.06
C GLY A 14 -12.88 5.23 7.71
N PHE A 15 -11.87 6.11 7.69
CA PHE A 15 -11.20 6.42 6.44
CA PHE A 15 -11.10 6.49 6.51
C PHE A 15 -10.07 5.43 6.14
N TYR A 16 -9.71 4.59 7.10
CA TYR A 16 -8.75 3.52 6.88
C TYR A 16 -8.94 2.41 7.92
N LYS A 17 -8.23 1.29 7.73
CA LYS A 17 -8.26 0.17 8.64
C LYS A 17 -6.90 0.04 9.33
N HIS A 18 -6.95 -0.17 10.64
CA HIS A 18 -5.78 -0.39 11.48
C HIS A 18 -5.60 -1.90 11.65
N TYR A 19 -4.56 -2.45 11.03
CA TYR A 19 -4.36 -3.90 10.95
C TYR A 19 -3.49 -4.43 12.09
N GLY A 20 -3.68 -5.72 12.36
CA GLY A 20 -2.89 -6.47 13.32
C GLY A 20 -2.77 -7.93 12.89
N VAL A 21 -1.90 -8.66 13.56
CA VAL A 21 -1.75 -10.10 13.34
C VAL A 21 -2.25 -10.80 14.61
N ARG A 22 -3.23 -11.70 14.44
CA ARG A 22 -3.83 -12.41 15.56
C ARG A 22 -3.15 -13.76 15.70
N PHE A 23 -2.60 -14.00 16.90
CA PHE A 23 -2.01 -15.29 17.23
C PHE A 23 -2.45 -15.70 18.63
N GLY A 24 -3.13 -16.85 18.67
CA GLY A 24 -3.79 -17.31 19.87
C GLY A 24 -4.75 -16.24 20.37
N GLY A 25 -4.57 -15.87 21.63
CA GLY A 25 -5.49 -14.93 22.26
C GLY A 25 -4.98 -13.50 22.21
N HIS A 26 -3.98 -13.21 21.36
CA HIS A 26 -3.39 -11.88 21.32
C HIS A 26 -3.32 -11.31 19.90
N ILE A 27 -3.20 -9.98 19.81
CA ILE A 27 -3.02 -9.28 18.54
C ILE A 27 -1.74 -8.44 18.63
N TYR A 28 -0.84 -8.66 17.66
CA TYR A 28 0.32 -7.82 17.47
C TYR A 28 -0.08 -6.68 16.53
N HIS A 29 0.10 -5.43 16.97
CA HIS A 29 -0.21 -4.28 16.13
C HIS A 29 0.62 -3.07 16.54
N LEU A 30 0.55 -2.00 15.73
CA LEU A 30 1.34 -0.81 16.00
C LEU A 30 0.58 0.13 16.91
N ASN A 31 1.33 0.79 17.80
CA ASN A 31 0.83 1.90 18.59
C ASN A 31 0.77 3.12 17.68
N SER A 32 -0.42 3.42 17.16
CA SER A 32 -0.59 4.43 16.13
C SER A 32 -1.97 5.05 16.29
N GLN A 33 -2.03 6.38 16.42
CA GLN A 33 -3.30 7.09 16.48
C GLN A 33 -3.79 7.40 15.06
N ASP A 34 -2.86 7.44 14.10
CA ASP A 34 -3.19 7.87 12.76
C ASP A 34 -2.16 7.29 11.81
N ILE A 35 -2.58 6.58 10.74
CA ILE A 35 -1.59 5.88 9.92
C ILE A 35 -0.70 6.84 9.14
N LEU A 36 -1.24 7.96 8.65
CA LEU A 36 -0.41 8.89 7.89
C LEU A 36 0.61 9.57 8.81
N SER A 37 0.18 9.95 10.02
CA SER A 37 1.11 10.48 11.02
C SER A 37 2.25 9.49 11.28
N THR A 38 1.89 8.22 11.48
CA THR A 38 2.86 7.17 11.76
C THR A 38 3.87 7.05 10.62
N ALA A 39 3.37 7.00 9.37
CA ALA A 39 4.26 6.90 8.21
C ALA A 39 5.23 8.07 8.09
N ILE A 40 4.79 9.29 8.40
CA ILE A 40 5.65 10.46 8.33
C ILE A 40 6.70 10.45 9.43
N THR A 41 6.33 9.97 10.63
CA THR A 41 7.23 9.97 11.77
C THR A 41 8.42 9.03 11.53
N GLY A 42 8.11 7.89 10.90
CA GLY A 42 9.10 6.93 10.45
C GLY A 42 9.58 5.98 11.55
N LYS A 43 8.90 6.01 12.70
CA LYS A 43 9.17 5.09 13.79
C LYS A 43 7.87 4.72 14.47
N SER A 44 7.77 3.46 14.96
CA SER A 44 6.60 3.06 15.71
CA SER A 44 6.57 2.91 15.58
C SER A 44 6.97 1.94 16.69
N ASP A 45 6.16 1.88 17.75
CA ASP A 45 6.26 0.82 18.75
C ASP A 45 5.18 -0.25 18.50
N PHE A 46 5.59 -1.52 18.64
CA PHE A 46 4.68 -2.65 18.62
C PHE A 46 3.98 -2.82 19.96
N ILE A 47 2.73 -3.25 19.89
CA ILE A 47 1.93 -3.69 21.02
C ILE A 47 1.56 -5.15 20.82
N LYS A 48 1.56 -5.92 21.91
CA LYS A 48 0.90 -7.22 21.95
C LYS A 48 -0.25 -7.14 22.96
N GLU A 49 -1.49 -7.20 22.47
CA GLU A 49 -2.70 -6.97 23.26
C GLU A 49 -3.58 -8.21 23.29
N GLU A 50 -4.23 -8.49 24.43
CA GLU A 50 -5.23 -9.55 24.48
C GLU A 50 -6.38 -9.20 23.55
N ASP A 51 -6.86 -10.19 22.79
CA ASP A 51 -8.00 -10.04 21.90
C ASP A 51 -9.24 -9.64 22.69
N ASP A 52 -9.78 -8.47 22.39
CA ASP A 52 -10.95 -7.94 23.07
C ASP A 52 -12.24 -8.32 22.34
N GLY A 53 -12.15 -9.14 21.29
CA GLY A 53 -13.32 -9.58 20.53
C GLY A 53 -13.85 -8.56 19.52
N LYS A 54 -13.12 -7.46 19.30
CA LYS A 54 -13.59 -6.39 18.44
C LYS A 54 -12.77 -6.29 17.15
N TRP A 55 -11.87 -7.26 16.91
CA TRP A 55 -11.11 -7.25 15.67
C TRP A 55 -11.90 -7.97 14.58
N VAL A 56 -11.76 -7.50 13.34
CA VAL A 56 -12.44 -8.06 12.18
C VAL A 56 -11.44 -8.90 11.38
N HIS A 57 -11.86 -10.12 10.98
CA HIS A 57 -11.00 -10.96 10.16
C HIS A 57 -10.79 -10.32 8.79
N ALA A 58 -9.53 -10.22 8.35
CA ALA A 58 -9.22 -9.72 7.03
C ALA A 58 -8.84 -10.88 6.11
N MET A 59 -7.74 -11.57 6.43
CA MET A 59 -7.24 -12.59 5.53
C MET A 59 -6.32 -13.54 6.30
N THR A 60 -6.42 -14.84 5.98
CA THR A 60 -5.50 -15.83 6.50
C THR A 60 -4.72 -16.39 5.32
N ALA A 61 -3.39 -16.29 5.38
CA ALA A 61 -2.56 -16.61 4.23
C ALA A 61 -1.16 -16.94 4.71
N PRO A 62 -0.37 -17.68 3.91
CA PRO A 62 1.05 -17.88 4.21
C PRO A 62 1.77 -16.54 4.29
N LEU A 63 2.78 -16.47 5.17
CA LEU A 63 3.59 -15.28 5.33
C LEU A 63 4.07 -14.77 3.96
N ASP A 64 4.43 -15.67 3.05
CA ASP A 64 5.07 -15.24 1.82
C ASP A 64 4.04 -14.63 0.86
N TYR A 65 2.74 -14.79 1.14
CA TYR A 65 1.74 -14.06 0.39
C TYR A 65 1.89 -12.56 0.70
N PHE A 66 2.02 -12.27 2.00
CA PHE A 66 2.13 -10.90 2.50
C PHE A 66 3.50 -10.33 2.13
N THR A 67 4.59 -11.09 2.28
CA THR A 67 5.91 -10.56 1.99
C THR A 67 6.09 -10.31 0.49
N GLU A 68 5.55 -11.18 -0.36
CA GLU A 68 5.60 -10.93 -1.80
C GLU A 68 4.83 -9.66 -2.15
N LYS A 69 3.70 -9.45 -1.50
CA LYS A 69 2.84 -8.30 -1.81
C LYS A 69 3.47 -6.99 -1.32
N TYR A 70 4.08 -6.98 -0.12
CA TYR A 70 4.44 -5.74 0.56
C TYR A 70 5.93 -5.56 0.84
N ILE A 71 6.72 -6.63 0.90
CA ILE A 71 8.15 -6.50 1.15
C ILE A 71 8.89 -6.48 -0.19
N ASN A 72 8.23 -6.89 -1.27
CA ASN A 72 8.82 -6.84 -2.59
C ASN A 72 8.58 -5.46 -3.22
N SER A 73 8.16 -4.48 -2.40
CA SER A 73 8.43 -3.08 -2.64
C SER A 73 8.44 -2.32 -1.31
N GLY A 76 11.78 -1.07 0.27
CA GLY A 76 12.54 0.18 0.49
C GLY A 76 12.12 0.94 1.74
N SER A 77 11.40 0.27 2.66
CA SER A 77 10.99 0.89 3.91
C SER A 77 12.23 1.20 4.76
N LYS A 78 12.23 2.40 5.34
CA LYS A 78 13.24 2.81 6.30
C LYS A 78 12.59 2.99 7.66
N HIS A 79 11.32 2.60 7.79
CA HIS A 79 10.63 2.73 9.07
C HIS A 79 11.32 1.89 10.16
N ILE A 80 11.43 2.44 11.37
CA ILE A 80 12.06 1.77 12.49
C ILE A 80 10.98 1.28 13.44
N PHE A 81 10.96 -0.04 13.67
CA PHE A 81 9.99 -0.68 14.54
C PHE A 81 10.68 -1.10 15.83
N SER A 82 10.08 -0.76 16.98
CA SER A 82 10.59 -1.13 18.27
CA SER A 82 10.60 -1.14 18.27
C SER A 82 9.53 -1.92 19.04
N ALA A 83 9.95 -2.64 20.09
CA ALA A 83 9.01 -3.34 20.96
C ALA A 83 9.60 -3.48 22.36
N THR A 84 8.73 -3.60 23.38
CA THR A 84 9.16 -4.02 24.71
C THR A 84 9.25 -5.56 24.77
N SER A 85 9.63 -6.11 25.92
CA SER A 85 9.78 -7.54 26.06
C SER A 85 8.43 -8.25 25.91
N ASN A 86 7.32 -7.49 25.96
CA ASN A 86 6.00 -8.07 25.73
C ASN A 86 5.90 -8.67 24.32
N CYS A 87 6.73 -8.20 23.38
CA CYS A 87 6.75 -8.78 22.05
C CYS A 87 7.87 -9.81 21.83
N GLU A 88 8.48 -10.34 22.89
CA GLU A 88 9.62 -11.22 22.68
C GLU A 88 9.18 -12.61 22.18
N THR A 89 7.87 -12.86 22.12
CA THR A 89 7.34 -14.11 21.56
C THR A 89 7.11 -14.00 20.05
N ILE A 90 7.31 -12.83 19.43
CA ILE A 90 6.78 -12.61 18.08
C ILE A 90 7.47 -13.52 17.06
N ALA A 91 8.79 -13.72 17.17
CA ALA A 91 9.50 -14.58 16.24
C ALA A 91 9.00 -16.02 16.35
N ARG A 92 8.87 -16.54 17.58
CA ARG A 92 8.47 -17.93 17.74
C ARG A 92 7.00 -18.11 17.35
N ASP A 93 6.19 -17.07 17.59
CA ASP A 93 4.75 -17.16 17.31
C ASP A 93 4.50 -17.16 15.81
N LEU A 94 5.11 -16.19 15.10
CA LEU A 94 4.76 -15.90 13.71
C LEU A 94 5.77 -16.49 12.72
N PHE A 95 6.96 -16.92 13.20
CA PHE A 95 7.98 -17.52 12.35
C PHE A 95 8.51 -18.79 13.01
N PRO A 96 7.62 -19.75 13.36
CA PRO A 96 7.98 -20.90 14.20
C PRO A 96 9.07 -21.74 13.56
N GLY A 97 10.08 -22.08 14.35
CA GLY A 97 11.13 -23.00 13.91
C GLY A 97 12.06 -22.41 12.85
N ARG A 98 12.01 -21.09 12.63
CA ARG A 98 12.95 -20.43 11.75
C ARG A 98 13.93 -19.68 12.61
N LYS A 99 15.09 -20.29 12.88
CA LYS A 99 16.02 -19.77 13.88
C LYS A 99 16.65 -18.49 13.38
N GLU A 100 16.67 -18.29 12.06
CA GLU A 100 17.32 -17.16 11.43
C GLU A 100 16.49 -15.89 11.57
N ILE A 101 15.21 -16.00 11.94
CA ILE A 101 14.39 -14.80 12.14
C ILE A 101 14.58 -14.33 13.57
N THR A 102 15.39 -13.27 13.72
CA THR A 102 15.59 -12.63 14.99
C THR A 102 14.38 -11.75 15.33
N GLN A 103 14.32 -11.27 16.58
CA GLN A 103 13.23 -10.38 16.97
C GLN A 103 13.20 -9.16 16.06
N SER A 104 14.38 -8.56 15.79
CA SER A 104 14.45 -7.35 14.98
CA SER A 104 14.44 -7.35 14.99
C SER A 104 13.89 -7.59 13.58
N LYS A 105 14.23 -8.74 12.99
CA LYS A 105 13.77 -9.09 11.66
C LYS A 105 12.27 -9.32 11.66
N ALA A 106 11.76 -9.96 12.70
CA ALA A 106 10.34 -10.28 12.79
C ALA A 106 9.53 -8.99 12.88
N LEU A 107 9.96 -8.06 13.73
CA LEU A 107 9.29 -6.76 13.86
C LEU A 107 9.30 -6.02 12.54
N GLY A 108 10.42 -6.05 11.82
CA GLY A 108 10.55 -5.35 10.55
C GLY A 108 9.59 -5.91 9.50
N ILE A 109 9.48 -7.24 9.44
CA ILE A 109 8.64 -7.86 8.41
C ILE A 109 7.16 -7.63 8.72
N ILE A 110 6.76 -7.90 9.96
CA ILE A 110 5.36 -7.75 10.34
C ILE A 110 4.99 -6.26 10.32
N GLY A 111 5.91 -5.41 10.77
CA GLY A 111 5.67 -3.98 10.75
C GLY A 111 5.40 -3.42 9.37
N VAL A 112 6.20 -3.82 8.38
CA VAL A 112 6.02 -3.30 7.04
C VAL A 112 4.69 -3.82 6.46
N ILE A 113 4.36 -5.09 6.77
CA ILE A 113 3.06 -5.57 6.33
C ILE A 113 1.94 -4.73 6.91
N LEU A 114 1.93 -4.51 8.24
CA LEU A 114 0.83 -3.78 8.87
C LEU A 114 0.78 -2.33 8.39
N LEU A 115 1.94 -1.65 8.32
CA LEU A 115 1.94 -0.25 7.87
C LEU A 115 1.44 -0.15 6.43
N SER A 116 1.89 -1.08 5.57
CA SER A 116 1.56 -1.04 4.15
C SER A 116 0.07 -1.30 3.95
N ALA A 117 -0.47 -2.35 4.59
CA ALA A 117 -1.89 -2.68 4.48
C ALA A 117 -2.73 -1.50 4.98
N SER A 118 -2.34 -0.92 6.11
CA SER A 118 -3.07 0.21 6.67
C SER A 118 -3.07 1.41 5.74
N LEU A 119 -1.90 1.75 5.17
CA LEU A 119 -1.83 2.87 4.24
C LEU A 119 -2.69 2.64 3.01
N LEU A 120 -2.61 1.44 2.44
CA LEU A 120 -3.34 1.21 1.20
C LEU A 120 -4.85 1.15 1.44
N SER A 121 -5.27 0.88 2.67
CA SER A 121 -6.71 0.86 2.97
C SER A 121 -7.32 2.27 2.88
N LEU A 122 -6.50 3.33 2.90
CA LEU A 122 -6.99 4.67 2.63
C LEU A 122 -7.70 4.75 1.29
N LEU A 123 -7.34 3.89 0.33
CA LEU A 123 -7.92 3.94 -1.02
C LEU A 123 -9.09 2.98 -1.19
N ALA A 124 -9.31 2.10 -0.20
CA ALA A 124 -10.30 1.03 -0.33
C ALA A 124 -11.67 1.51 0.16
N VAL A 125 -12.72 0.87 -0.37
CA VAL A 125 -14.03 1.09 0.21
C VAL A 125 -13.96 0.47 1.60
N PRO A 126 -14.58 1.11 2.62
CA PRO A 126 -14.28 0.81 4.02
C PRO A 126 -14.92 -0.46 4.57
N TRP A 127 -15.78 -1.07 3.78
CA TRP A 127 -16.47 -2.28 4.22
C TRP A 127 -15.85 -3.53 3.63
N ASP A 128 -14.91 -3.36 2.70
CA ASP A 128 -14.34 -4.50 1.99
C ASP A 128 -13.26 -5.10 2.88
N TYR A 129 -13.64 -6.10 3.69
CA TYR A 129 -12.77 -6.72 4.68
C TYR A 129 -11.59 -7.43 4.01
N SER A 130 -11.86 -8.05 2.85
CA SER A 130 -10.89 -8.83 2.12
C SER A 130 -10.18 -7.97 1.07
N SER A 131 -9.82 -6.74 1.45
CA SER A 131 -9.24 -5.77 0.53
C SER A 131 -7.72 -5.82 0.57
N LEU A 132 -7.13 -7.02 0.54
CA LEU A 132 -5.69 -7.19 0.47
C LEU A 132 -5.34 -8.19 -0.63
N PRO B 4 3.43 -4.49 -24.10
CA PRO B 4 4.48 -3.55 -23.67
C PRO B 4 4.33 -3.17 -22.20
N ASP B 5 5.46 -2.93 -21.54
CA ASP B 5 5.48 -2.72 -20.11
C ASP B 5 4.99 -1.31 -19.78
N ILE B 6 4.65 -1.11 -18.50
CA ILE B 6 4.41 0.19 -17.89
C ILE B 6 5.72 0.71 -17.31
N GLU B 7 6.05 1.98 -17.57
CA GLU B 7 7.17 2.66 -16.94
C GLU B 7 6.65 3.61 -15.86
N LEU B 8 6.90 3.25 -14.59
CA LEU B 8 6.62 4.14 -13.48
C LEU B 8 7.79 5.12 -13.31
N VAL B 9 7.44 6.40 -13.15
CA VAL B 9 8.41 7.46 -12.88
C VAL B 9 7.93 8.27 -11.68
N TYR B 10 8.80 9.12 -11.13
CA TYR B 10 8.37 9.98 -10.05
C TYR B 10 9.15 11.29 -10.00
N LYS B 11 8.56 12.23 -9.27
CA LYS B 11 9.23 13.42 -8.78
C LYS B 11 9.21 13.40 -7.25
N ASN B 12 10.37 13.73 -6.67
CA ASN B 12 10.49 13.81 -5.23
C ASN B 12 9.80 15.08 -4.74
N ARG B 13 8.90 14.92 -3.76
CA ARG B 13 8.22 16.05 -3.16
C ARG B 13 8.57 16.14 -1.67
N GLY B 14 9.76 15.65 -1.32
CA GLY B 14 10.30 15.88 0.02
C GLY B 14 9.93 14.75 0.97
N PHE B 15 8.70 14.74 1.47
CA PHE B 15 8.29 13.72 2.42
C PHE B 15 7.65 12.54 1.69
N TYR B 16 7.49 12.63 0.37
CA TYR B 16 6.96 11.54 -0.44
C TYR B 16 7.36 11.72 -1.89
N LYS B 17 7.08 10.69 -2.70
CA LYS B 17 7.30 10.73 -4.13
C LYS B 17 5.95 10.75 -4.85
N HIS B 18 5.86 11.64 -5.85
CA HIS B 18 4.69 11.80 -6.69
C HIS B 18 4.93 11.01 -7.97
N TYR B 19 4.11 9.99 -8.22
CA TYR B 19 4.38 9.05 -9.31
C TYR B 19 3.57 9.38 -10.57
N GLY B 20 4.08 8.88 -11.70
CA GLY B 20 3.40 8.99 -12.98
C GLY B 20 3.78 7.80 -13.87
N VAL B 21 3.02 7.62 -14.95
CA VAL B 21 3.35 6.63 -15.96
C VAL B 21 3.86 7.37 -17.19
N ARG B 22 5.09 7.03 -17.62
CA ARG B 22 5.65 7.61 -18.82
C ARG B 22 5.29 6.75 -20.03
N PHE B 23 4.68 7.38 -21.03
CA PHE B 23 4.41 6.75 -22.31
C PHE B 23 4.78 7.71 -23.44
N GLY B 24 5.73 7.27 -24.26
CA GLY B 24 6.36 8.13 -25.26
C GLY B 24 6.83 9.45 -24.66
N GLY B 25 6.31 10.56 -25.19
CA GLY B 25 6.77 11.88 -24.78
C GLY B 25 5.95 12.50 -23.66
N HIS B 26 5.08 11.69 -23.01
CA HIS B 26 4.18 12.22 -21.99
C HIS B 26 4.21 11.43 -20.69
N ILE B 27 3.74 12.09 -19.61
CA ILE B 27 3.54 11.45 -18.33
C ILE B 27 2.08 11.63 -17.93
N TYR B 28 1.43 10.48 -17.67
CA TYR B 28 0.11 10.46 -17.07
C TYR B 28 0.28 10.50 -15.55
N HIS B 29 -0.29 11.50 -14.88
CA HIS B 29 -0.19 11.59 -13.44
C HIS B 29 -1.37 12.36 -12.86
N LEU B 30 -1.48 12.37 -11.53
CA LEU B 30 -2.61 13.04 -10.90
C LEU B 30 -2.24 14.48 -10.58
N ASN B 31 -3.24 15.35 -10.78
CA ASN B 31 -3.21 16.72 -10.30
C ASN B 31 -3.48 16.68 -8.80
N SER B 32 -2.42 16.79 -8.03
CA SER B 32 -2.48 16.59 -6.58
C SER B 32 -1.54 17.60 -5.93
N GLN B 33 -2.08 18.37 -4.97
CA GLN B 33 -1.29 19.34 -4.24
C GLN B 33 -0.41 18.63 -3.21
N ASP B 34 -0.89 17.50 -2.68
CA ASP B 34 -0.14 16.64 -1.80
C ASP B 34 -0.95 15.38 -1.54
N ILE B 35 -0.21 14.30 -1.30
CA ILE B 35 -0.77 12.96 -1.22
C ILE B 35 -1.72 12.84 -0.01
N LEU B 36 -1.44 13.53 1.10
CA LEU B 36 -2.26 13.38 2.31
C LEU B 36 -3.67 13.92 2.04
N SER B 37 -3.70 15.13 1.49
CA SER B 37 -4.94 15.81 1.12
C SER B 37 -5.71 14.94 0.14
N THR B 38 -5.01 14.45 -0.87
CA THR B 38 -5.62 13.64 -1.93
C THR B 38 -6.24 12.38 -1.33
N ALA B 39 -5.49 11.68 -0.47
CA ALA B 39 -5.94 10.42 0.10
C ALA B 39 -7.24 10.59 0.88
N ILE B 40 -7.34 11.68 1.65
CA ILE B 40 -8.50 11.88 2.51
C ILE B 40 -9.68 12.35 1.67
N THR B 41 -9.43 13.22 0.68
CA THR B 41 -10.53 13.85 -0.05
C THR B 41 -11.21 12.84 -0.98
N GLY B 42 -10.43 11.89 -1.50
CA GLY B 42 -10.98 10.75 -2.21
C GLY B 42 -11.33 11.06 -3.67
N LYS B 43 -10.82 12.16 -4.22
CA LYS B 43 -11.00 12.43 -5.64
C LYS B 43 -9.73 13.03 -6.24
N SER B 44 -9.44 12.69 -7.50
CA SER B 44 -8.28 13.17 -8.23
C SER B 44 -8.62 13.38 -9.70
N ASP B 45 -7.99 14.40 -10.29
CA ASP B 45 -8.03 14.63 -11.72
C ASP B 45 -6.71 14.17 -12.35
N PHE B 46 -6.79 13.48 -13.49
CA PHE B 46 -5.63 13.08 -14.26
C PHE B 46 -5.14 14.21 -15.15
N ILE B 47 -3.81 14.26 -15.30
CA ILE B 47 -3.12 15.12 -16.25
C ILE B 47 -2.33 14.24 -17.21
N LYS B 48 -2.29 14.62 -18.50
CA LYS B 48 -1.31 14.08 -19.42
C LYS B 48 -0.41 15.25 -19.84
N GLU B 49 0.86 15.21 -19.40
CA GLU B 49 1.74 16.35 -19.61
C GLU B 49 3.00 15.90 -20.36
N GLU B 50 3.52 16.80 -21.20
CA GLU B 50 4.77 16.53 -21.90
C GLU B 50 5.89 16.33 -20.88
N ASP B 51 6.73 15.34 -21.14
CA ASP B 51 7.89 15.04 -20.30
C ASP B 51 8.82 16.25 -20.29
N ASP B 52 9.05 16.82 -19.10
CA ASP B 52 9.94 17.97 -18.97
C ASP B 52 11.38 17.55 -18.71
N GLY B 53 11.66 16.25 -18.73
CA GLY B 53 13.01 15.74 -18.52
C GLY B 53 13.42 15.66 -17.04
N LYS B 54 12.50 15.93 -16.11
CA LYS B 54 12.85 16.03 -14.69
C LYS B 54 12.23 14.90 -13.88
N TRP B 55 11.63 13.91 -14.54
CA TRP B 55 11.11 12.74 -13.86
C TRP B 55 12.23 11.73 -13.64
N VAL B 56 12.12 10.96 -12.55
CA VAL B 56 13.08 9.94 -12.19
C VAL B 56 12.46 8.58 -12.50
N HIS B 57 13.24 7.71 -13.15
CA HIS B 57 12.77 6.35 -13.39
C HIS B 57 12.62 5.60 -12.08
N ALA B 58 11.47 4.94 -11.89
CA ALA B 58 11.22 4.10 -10.74
C ALA B 58 11.34 2.63 -11.15
N MET B 59 10.46 2.17 -12.04
CA MET B 59 10.43 0.76 -12.37
C MET B 59 9.71 0.56 -13.71
N THR B 60 10.22 -0.37 -14.53
CA THR B 60 9.51 -0.78 -15.73
C THR B 60 9.14 -2.26 -15.56
N ALA B 61 7.85 -2.55 -15.69
CA ALA B 61 7.36 -3.90 -15.48
C ALA B 61 6.04 -4.06 -16.24
N PRO B 62 5.60 -5.32 -16.51
CA PRO B 62 4.29 -5.58 -17.06
C PRO B 62 3.18 -4.98 -16.21
N LEU B 63 2.13 -4.53 -16.87
CA LEU B 63 0.96 -3.98 -16.20
C LEU B 63 0.47 -4.95 -15.12
N ASP B 64 0.52 -6.25 -15.42
CA ASP B 64 -0.07 -7.26 -14.55
C ASP B 64 0.74 -7.40 -13.28
N TYR B 65 2.01 -7.00 -13.32
CA TYR B 65 2.83 -6.95 -12.12
C TYR B 65 2.23 -5.94 -11.14
N PHE B 66 1.88 -4.77 -11.65
CA PHE B 66 1.35 -3.66 -10.85
C PHE B 66 -0.09 -3.93 -10.42
N THR B 67 -0.93 -4.49 -11.31
CA THR B 67 -2.32 -4.74 -10.94
C THR B 67 -2.40 -5.85 -9.90
N GLU B 68 -1.56 -6.88 -10.03
CA GLU B 68 -1.52 -7.95 -9.04
C GLU B 68 -1.11 -7.37 -7.69
N LYS B 69 -0.16 -6.43 -7.69
CA LYS B 69 0.38 -5.91 -6.45
C LYS B 69 -0.61 -4.95 -5.77
N TYR B 70 -1.29 -4.10 -6.55
CA TYR B 70 -2.03 -2.97 -5.98
C TYR B 70 -3.54 -2.99 -6.22
N ILE B 71 -4.03 -3.76 -7.19
CA ILE B 71 -5.45 -3.79 -7.51
C ILE B 71 -5.94 -5.15 -6.99
N ASN B 72 -5.96 -5.29 -5.67
CA ASN B 72 -6.06 -6.60 -5.06
C ASN B 72 -7.52 -6.87 -4.69
N SER B 73 -8.42 -6.33 -5.49
CA SER B 73 -9.84 -6.27 -5.15
C SER B 73 -10.67 -6.08 -6.41
N MET B 74 -11.57 -7.04 -6.67
CA MET B 74 -12.54 -6.93 -7.75
C MET B 74 -13.72 -6.05 -7.31
N VAL B 75 -13.61 -5.45 -6.12
CA VAL B 75 -14.55 -4.44 -5.63
C VAL B 75 -13.99 -3.05 -5.96
N GLY B 76 -12.71 -2.84 -5.65
CA GLY B 76 -11.99 -1.66 -6.11
C GLY B 76 -12.13 -0.48 -5.15
N SER B 77 -11.70 0.68 -5.64
CA SER B 77 -11.32 1.80 -4.81
C SER B 77 -12.52 2.67 -4.48
N LYS B 78 -12.43 3.46 -3.40
CA LYS B 78 -13.42 4.49 -3.13
C LYS B 78 -13.05 5.79 -3.86
N HIS B 79 -11.84 5.83 -4.42
CA HIS B 79 -11.30 7.07 -4.94
C HIS B 79 -11.94 7.34 -6.29
N ILE B 80 -12.31 8.60 -6.55
CA ILE B 80 -13.01 8.98 -7.77
C ILE B 80 -12.01 9.70 -8.67
N PHE B 81 -11.82 9.17 -9.89
CA PHE B 81 -10.87 9.70 -10.86
C PHE B 81 -11.63 10.36 -12.00
N SER B 82 -11.16 11.55 -12.40
CA SER B 82 -11.68 12.26 -13.57
CA SER B 82 -11.68 12.24 -13.58
C SER B 82 -10.52 12.60 -14.49
N ALA B 83 -10.82 12.91 -15.76
CA ALA B 83 -9.79 13.27 -16.72
C ALA B 83 -10.40 14.15 -17.81
N THR B 84 -9.58 15.08 -18.34
CA THR B 84 -9.95 15.87 -19.50
C THR B 84 -9.67 15.07 -20.78
N SER B 85 -10.07 15.59 -21.94
CA SER B 85 -10.08 14.80 -23.16
C SER B 85 -8.66 14.49 -23.62
N ASN B 86 -7.65 15.23 -23.12
CA ASN B 86 -6.29 14.93 -23.54
C ASN B 86 -5.84 13.60 -22.93
N CYS B 87 -6.57 13.06 -21.95
CA CYS B 87 -6.31 11.73 -21.43
C CYS B 87 -7.12 10.62 -22.13
N GLU B 88 -7.80 10.91 -23.24
CA GLU B 88 -8.64 9.90 -23.86
C GLU B 88 -7.79 8.87 -24.61
N THR B 89 -6.47 9.07 -24.65
CA THR B 89 -5.54 8.11 -25.24
C THR B 89 -5.10 7.05 -24.22
N ILE B 90 -5.50 7.18 -22.95
CA ILE B 90 -4.86 6.40 -21.90
C ILE B 90 -5.14 4.92 -22.07
N ALA B 91 -6.39 4.54 -22.44
CA ALA B 91 -6.73 3.14 -22.61
C ALA B 91 -5.90 2.52 -23.73
N ARG B 92 -5.80 3.20 -24.88
CA ARG B 92 -5.09 2.65 -26.01
C ARG B 92 -3.58 2.64 -25.75
N ASP B 93 -3.08 3.63 -25.01
CA ASP B 93 -1.66 3.75 -24.76
C ASP B 93 -1.20 2.67 -23.78
N LEU B 94 -1.93 2.53 -22.65
CA LEU B 94 -1.47 1.74 -21.51
C LEU B 94 -2.17 0.38 -21.43
N PHE B 95 -3.25 0.17 -22.20
CA PHE B 95 -3.94 -1.12 -22.24
C PHE B 95 -4.19 -1.52 -23.69
N PRO B 96 -3.13 -1.56 -24.54
CA PRO B 96 -3.32 -1.69 -25.99
C PRO B 96 -4.07 -2.96 -26.38
N GLY B 97 -3.65 -4.11 -25.85
CA GLY B 97 -4.23 -5.38 -26.27
C GLY B 97 -5.63 -5.61 -25.71
N ARG B 98 -6.08 -4.76 -24.78
CA ARG B 98 -7.20 -5.10 -23.91
C ARG B 98 -8.42 -4.27 -24.28
N LYS B 99 -9.26 -4.87 -25.15
CA LYS B 99 -10.38 -4.18 -25.77
C LYS B 99 -11.44 -3.83 -24.72
N GLU B 100 -11.45 -4.58 -23.62
CA GLU B 100 -12.48 -4.47 -22.60
C GLU B 100 -12.24 -3.26 -21.69
N ILE B 101 -11.05 -2.66 -21.75
CA ILE B 101 -10.73 -1.57 -20.83
C ILE B 101 -11.25 -0.24 -21.38
N THR B 102 -12.33 0.25 -20.77
CA THR B 102 -12.88 1.56 -21.04
C THR B 102 -12.00 2.64 -20.40
N GLN B 103 -12.24 3.91 -20.77
CA GLN B 103 -11.46 4.99 -20.21
C GLN B 103 -11.65 5.05 -18.70
N SER B 104 -12.89 4.87 -18.22
CA SER B 104 -13.18 4.93 -16.80
C SER B 104 -12.40 3.86 -16.02
N LYS B 105 -12.35 2.64 -16.59
CA LYS B 105 -11.64 1.52 -15.98
C LYS B 105 -10.15 1.82 -15.96
N ALA B 106 -9.63 2.38 -17.05
CA ALA B 106 -8.22 2.66 -17.21
C ALA B 106 -7.78 3.67 -16.16
N LEU B 107 -8.57 4.75 -15.99
CA LEU B 107 -8.24 5.78 -15.02
C LEU B 107 -8.23 5.18 -13.62
N GLY B 108 -9.20 4.31 -13.31
CA GLY B 108 -9.29 3.69 -11.99
C GLY B 108 -8.06 2.83 -11.68
N ILE B 109 -7.61 2.04 -12.66
CA ILE B 109 -6.50 1.12 -12.47
C ILE B 109 -5.20 1.90 -12.33
N ILE B 110 -4.93 2.80 -13.28
CA ILE B 110 -3.70 3.57 -13.24
C ILE B 110 -3.68 4.48 -12.03
N GLY B 111 -4.84 5.10 -11.73
CA GLY B 111 -4.91 6.01 -10.59
C GLY B 111 -4.58 5.32 -9.26
N VAL B 112 -5.11 4.10 -9.06
CA VAL B 112 -4.85 3.41 -7.81
C VAL B 112 -3.39 2.98 -7.75
N ILE B 113 -2.81 2.58 -8.88
CA ILE B 113 -1.39 2.27 -8.90
C ILE B 113 -0.58 3.49 -8.45
N LEU B 114 -0.83 4.65 -9.04
CA LEU B 114 -0.06 5.85 -8.72
C LEU B 114 -0.26 6.29 -7.27
N LEU B 115 -1.52 6.29 -6.79
CA LEU B 115 -1.76 6.67 -5.41
C LEU B 115 -1.12 5.67 -4.44
N SER B 116 -1.16 4.37 -4.76
CA SER B 116 -0.56 3.34 -3.93
C SER B 116 0.95 3.53 -3.82
N ALA B 117 1.62 3.73 -4.97
CA ALA B 117 3.06 3.96 -4.97
C ALA B 117 3.41 5.20 -4.13
N SER B 118 2.65 6.28 -4.31
CA SER B 118 2.89 7.52 -3.59
C SER B 118 2.71 7.34 -2.07
N LEU B 119 1.65 6.65 -1.65
CA LEU B 119 1.43 6.40 -0.23
C LEU B 119 2.55 5.55 0.38
N LEU B 120 2.97 4.50 -0.33
CA LEU B 120 4.01 3.66 0.23
C LEU B 120 5.36 4.38 0.27
N SER B 121 5.56 5.40 -0.56
CA SER B 121 6.82 6.15 -0.55
C SER B 121 7.02 6.91 0.76
N LEU B 122 5.94 7.11 1.52
CA LEU B 122 6.04 7.73 2.84
C LEU B 122 6.99 6.90 3.72
N LEU B 123 7.13 5.58 3.46
CA LEU B 123 7.95 4.73 4.33
C LEU B 123 9.43 4.78 3.99
N ALA B 124 9.78 5.32 2.81
CA ALA B 124 11.16 5.39 2.38
C ALA B 124 11.85 6.61 2.99
N VAL B 125 11.07 7.35 3.80
CA VAL B 125 11.55 8.46 4.61
C VAL B 125 11.85 9.65 3.69
#